data_2OOE
#
_entry.id   2OOE
#
_cell.length_a   105.675
_cell.length_b   105.675
_cell.length_c   358.157
_cell.angle_alpha   90.00
_cell.angle_beta   90.00
_cell.angle_gamma   120.00
#
_symmetry.space_group_name_H-M   'H 3 2'
#
loop_
_entity.id
_entity.type
_entity.pdbx_description
1 polymer 'Cleavage stimulation factor 77 kDa subunit'
2 water water
#
_entity_poly.entity_id   1
_entity_poly.type   'polypeptide(L)'
_entity_poly.pdbx_seq_one_letter_code
;MAEKKLEENPYDLDAWSILIREAQNQPIDKARKTYERLVAQFPSSGRFWKLYIEAEIKAKNYDKVEKLFQRCLMKVLHID
LWKCYLSYVRETKGKLPSYKEKMAQAYDFALDKIGMEIMSYQIWVDYINFLKGVEAVGSYAENQRITAVRRVYQRGCVNP
MINIEQLWRDYNKYEEGINIHLAKKMIEDRSRDYMNARRVAKEYETVMKGLDRNAPSVPPQNTPQEAQQVDMWKKYIQWE
KSNPLRTEDQTLITKRVMFAYEQCLLVLGHHPDIWYEAAQYLEQSSKLLAEKGDMNNAKLFSDEAANIYERAISTLLKKN
MLLYFAYADYEESRMKYEKVHSIYNRLLAIEDIDPTLVYIQYMKFARRAEGIKSGRMIFKKAREDARTRHHVYVTAALME
YYCSKDKSVAFKIFELGLKKYGDIPEYVLAYIDYLSHLNEDNNTRVLFERVLTSGSLPPEKSGEIWARFLAFESNIGDLA
SILKVEKRRFTAFREEYEGKETALLVDRYKFMDLYPCSASELKALGYKDV
;
_entity_poly.pdbx_strand_id   A
#
# COMPACT_ATOMS: atom_id res chain seq x y z
N MET A 1 0.25 26.78 21.08
CA MET A 1 1.12 25.59 21.34
C MET A 1 1.23 24.69 20.11
N ALA A 2 2.45 24.30 19.78
CA ALA A 2 2.70 23.42 18.64
C ALA A 2 2.04 22.07 18.85
N GLU A 3 2.12 21.56 20.08
CA GLU A 3 1.52 20.27 20.44
C GLU A 3 0.03 20.29 20.11
N LYS A 4 -0.58 21.45 20.30
CA LYS A 4 -2.01 21.63 20.03
C LYS A 4 -2.26 21.37 18.55
N LYS A 5 -1.50 22.05 17.70
CA LYS A 5 -1.63 21.88 16.27
C LYS A 5 -1.58 20.38 15.99
N LEU A 6 -0.73 19.69 16.74
CA LEU A 6 -0.57 18.24 16.60
C LEU A 6 -1.76 17.49 17.19
N GLU A 7 -2.43 18.08 18.16
CA GLU A 7 -3.61 17.45 18.75
C GLU A 7 -4.58 17.31 17.59
N GLU A 8 -4.64 18.36 16.78
CA GLU A 8 -5.50 18.39 15.61
C GLU A 8 -4.87 17.49 14.54
N ASN A 9 -4.07 18.06 13.65
CA ASN A 9 -3.42 17.29 12.59
C ASN A 9 -2.09 16.67 13.06
N PRO A 10 -2.06 15.35 13.29
CA PRO A 10 -0.83 14.67 13.74
C PRO A 10 0.33 14.91 12.79
N TYR A 11 0.01 15.08 11.52
CA TYR A 11 1.03 15.29 10.51
C TYR A 11 1.28 16.76 10.24
N ASP A 12 0.87 17.62 11.16
CA ASP A 12 1.10 19.05 10.99
C ASP A 12 2.60 19.22 10.88
N LEU A 13 3.07 19.49 9.67
CA LEU A 13 4.48 19.67 9.47
C LEU A 13 4.97 20.93 10.18
N ASP A 14 4.08 21.91 10.33
CA ASP A 14 4.40 23.18 11.00
C ASP A 14 4.83 22.92 12.44
N ALA A 15 4.00 22.20 13.15
CA ALA A 15 4.28 21.87 14.54
C ALA A 15 5.62 21.16 14.60
N TRP A 16 5.77 20.15 13.76
CA TRP A 16 7.00 19.37 13.73
C TRP A 16 8.25 20.23 13.52
N SER A 17 8.17 21.21 12.62
CA SER A 17 9.33 22.03 12.36
C SER A 17 9.68 22.85 13.58
N ILE A 18 8.67 23.12 14.40
CA ILE A 18 8.88 23.87 15.63
C ILE A 18 9.58 22.95 16.63
N LEU A 19 9.01 21.77 16.86
CA LEU A 19 9.63 20.84 17.79
C LEU A 19 11.05 20.62 17.34
N ILE A 20 11.24 20.54 16.03
CA ILE A 20 12.57 20.33 15.50
C ILE A 20 13.42 21.58 15.64
N ARG A 21 12.82 22.76 15.53
CA ARG A 21 13.58 23.99 15.67
C ARG A 21 14.17 24.10 17.07
N GLU A 22 13.39 23.72 18.08
CA GLU A 22 13.90 23.77 19.45
C GLU A 22 14.55 22.46 19.79
N ALA A 23 14.48 21.52 18.86
CA ALA A 23 15.07 20.22 19.05
C ALA A 23 16.56 20.41 19.27
N GLN A 24 17.12 21.46 18.68
CA GLN A 24 18.54 21.75 18.83
C GLN A 24 18.83 22.70 19.98
N ASN A 25 17.90 23.61 20.26
CA ASN A 25 18.07 24.54 21.36
C ASN A 25 18.09 23.75 22.67
N GLN A 26 18.51 22.47 22.60
CA GLN A 26 18.57 21.60 23.76
C GLN A 26 19.49 20.40 23.61
N PRO A 27 20.05 19.91 24.72
CA PRO A 27 20.95 18.76 24.77
C PRO A 27 20.34 17.48 24.24
N ILE A 28 21.19 16.64 23.65
CA ILE A 28 20.82 15.37 23.07
C ILE A 28 20.03 14.46 24.00
N ASP A 29 19.97 14.80 25.27
CA ASP A 29 19.21 13.96 26.17
C ASP A 29 17.74 14.32 26.13
N LYS A 30 17.46 15.61 25.92
CA LYS A 30 16.09 16.08 25.85
C LYS A 30 15.59 16.05 24.40
N ALA A 31 16.50 16.24 23.46
CA ALA A 31 16.16 16.22 22.04
C ALA A 31 15.80 14.82 21.59
N ARG A 32 16.68 13.88 21.91
CA ARG A 32 16.48 12.48 21.58
C ARG A 32 15.02 12.08 21.78
N LYS A 33 14.42 12.61 22.82
CA LYS A 33 13.04 12.32 23.13
C LYS A 33 12.11 12.82 22.03
N THR A 34 12.41 14.00 21.50
CA THR A 34 11.60 14.62 20.44
C THR A 34 11.87 13.95 19.08
N TYR A 35 13.11 13.56 18.84
CA TYR A 35 13.47 12.93 17.59
C TYR A 35 12.77 11.59 17.43
N GLU A 36 12.81 10.77 18.48
CA GLU A 36 12.16 9.48 18.38
C GLU A 36 10.72 9.73 17.97
N ARG A 37 10.10 10.71 18.60
CA ARG A 37 8.72 11.04 18.33
C ARG A 37 8.52 11.36 16.84
N LEU A 38 9.52 12.00 16.25
CA LEU A 38 9.51 12.40 14.84
C LEU A 38 9.64 11.19 13.90
N VAL A 39 10.74 10.45 14.03
CA VAL A 39 10.97 9.27 13.18
C VAL A 39 9.87 8.26 13.36
N ALA A 40 9.30 8.24 14.56
CA ALA A 40 8.21 7.32 14.83
C ALA A 40 7.01 7.69 13.96
N GLN A 41 6.99 8.96 13.56
CA GLN A 41 5.90 9.51 12.76
C GLN A 41 6.18 9.54 11.26
N PHE A 42 7.45 9.73 10.92
CA PHE A 42 7.86 9.79 9.53
C PHE A 42 9.01 8.82 9.36
N PRO A 43 8.71 7.53 9.53
CA PRO A 43 9.67 6.43 9.42
C PRO A 43 10.46 6.42 8.12
N SER A 44 9.83 6.90 7.05
CA SER A 44 10.47 6.90 5.75
C SER A 44 11.18 8.21 5.36
N SER A 45 11.38 9.08 6.34
CA SER A 45 12.04 10.36 6.08
C SER A 45 13.53 10.33 6.35
N GLY A 46 14.32 9.94 5.35
CA GLY A 46 15.77 9.89 5.51
C GLY A 46 16.31 11.19 6.06
N ARG A 47 15.63 12.28 5.74
CA ARG A 47 15.98 13.63 6.20
C ARG A 47 15.86 13.69 7.73
N PHE A 48 14.73 13.26 8.29
CA PHE A 48 14.53 13.26 9.75
C PHE A 48 15.45 12.28 10.46
N TRP A 49 15.59 11.08 9.91
CA TRP A 49 16.47 10.11 10.52
C TRP A 49 17.83 10.79 10.63
N LYS A 50 18.22 11.52 9.59
CA LYS A 50 19.50 12.19 9.60
C LYS A 50 19.67 13.26 10.70
N LEU A 51 18.65 14.11 10.89
CA LEU A 51 18.71 15.14 11.93
C LEU A 51 19.02 14.46 13.24
N TYR A 52 18.35 13.33 13.47
CA TYR A 52 18.51 12.56 14.67
C TYR A 52 19.93 12.01 14.74
N ILE A 53 20.38 11.39 13.66
CA ILE A 53 21.70 10.80 13.62
C ILE A 53 22.78 11.82 13.81
N GLU A 54 22.74 12.87 12.99
CA GLU A 54 23.75 13.92 13.07
C GLU A 54 23.77 14.55 14.47
N ALA A 55 22.61 14.60 15.11
CA ALA A 55 22.50 15.15 16.46
C ALA A 55 23.26 14.27 17.45
N GLU A 56 22.97 12.96 17.44
CA GLU A 56 23.66 12.03 18.33
C GLU A 56 25.15 11.98 17.99
N ILE A 57 25.43 11.97 16.68
CA ILE A 57 26.79 11.92 16.17
C ILE A 57 27.55 13.16 16.58
N LYS A 58 26.81 14.24 16.82
CA LYS A 58 27.41 15.50 17.25
C LYS A 58 27.85 15.31 18.70
N ALA A 59 27.04 14.57 19.46
CA ALA A 59 27.28 14.27 20.87
C ALA A 59 28.28 13.13 21.09
N LYS A 60 29.04 12.73 20.08
CA LYS A 60 30.01 11.66 20.24
C LYS A 60 29.47 10.33 20.79
N ASN A 61 28.18 10.06 20.61
CA ASN A 61 27.60 8.81 21.11
C ASN A 61 27.62 7.78 20.00
N TYR A 62 28.82 7.47 19.52
CA TYR A 62 28.97 6.53 18.44
C TYR A 62 28.18 5.25 18.62
N ASP A 63 27.93 4.84 19.85
CA ASP A 63 27.18 3.61 20.08
C ASP A 63 25.71 3.77 19.69
N LYS A 64 25.11 4.91 20.06
CA LYS A 64 23.72 5.17 19.73
C LYS A 64 23.54 5.43 18.23
N VAL A 65 24.58 5.93 17.57
CA VAL A 65 24.49 6.20 16.14
C VAL A 65 24.31 4.88 15.40
N GLU A 66 25.23 3.94 15.60
CA GLU A 66 25.17 2.65 14.96
C GLU A 66 23.79 2.01 15.15
N LYS A 67 23.20 2.25 16.32
CA LYS A 67 21.89 1.72 16.61
C LYS A 67 20.87 2.35 15.65
N LEU A 68 20.89 3.66 15.54
CA LEU A 68 19.98 4.36 14.64
C LEU A 68 20.12 3.88 13.18
N PHE A 69 21.33 3.61 12.73
CA PHE A 69 21.52 3.14 11.37
C PHE A 69 20.89 1.76 11.20
N GLN A 70 21.19 0.84 12.13
CA GLN A 70 20.61 -0.50 12.06
C GLN A 70 19.11 -0.38 12.10
N ARG A 71 18.60 0.77 12.51
CA ARG A 71 17.15 0.93 12.59
C ARG A 71 16.49 1.49 11.34
N CYS A 72 17.26 2.16 10.49
CA CYS A 72 16.72 2.79 9.29
C CYS A 72 17.49 2.59 7.95
N LEU A 73 18.80 2.40 7.99
CA LEU A 73 19.55 2.29 6.75
C LEU A 73 19.00 1.34 5.69
N MET A 74 18.61 0.14 6.09
CA MET A 74 18.05 -0.82 5.16
C MET A 74 16.65 -0.37 4.75
N LYS A 75 15.87 0.08 5.71
CA LYS A 75 14.49 0.50 5.47
C LYS A 75 14.26 1.82 4.74
N VAL A 76 15.29 2.64 4.59
CA VAL A 76 15.11 3.91 3.89
C VAL A 76 16.22 4.16 2.90
N LEU A 77 15.86 4.21 1.62
CA LEU A 77 16.85 4.41 0.56
C LEU A 77 17.07 5.85 0.20
N HIS A 78 17.30 6.69 1.19
CA HIS A 78 17.54 8.12 0.95
C HIS A 78 18.99 8.33 0.60
N ILE A 79 19.27 9.04 -0.48
CA ILE A 79 20.65 9.25 -0.92
C ILE A 79 21.53 9.86 0.17
N ASP A 80 20.97 10.79 0.93
CA ASP A 80 21.75 11.43 1.97
C ASP A 80 21.98 10.56 3.17
N LEU A 81 20.96 9.86 3.61
CA LEU A 81 21.13 8.98 4.75
C LEU A 81 22.30 8.05 4.48
N TRP A 82 22.38 7.50 3.27
CA TRP A 82 23.48 6.61 2.94
C TRP A 82 24.84 7.30 2.84
N LYS A 83 24.90 8.51 2.29
CA LYS A 83 26.19 9.19 2.21
C LYS A 83 26.61 9.49 3.64
N CYS A 84 25.60 9.63 4.51
CA CYS A 84 25.86 9.90 5.91
C CYS A 84 26.51 8.65 6.51
N TYR A 85 25.88 7.50 6.32
CA TYR A 85 26.42 6.26 6.84
C TYR A 85 27.85 6.04 6.34
N LEU A 86 28.12 6.39 5.09
CA LEU A 86 29.46 6.21 4.56
C LEU A 86 30.46 7.11 5.27
N SER A 87 29.99 8.26 5.73
CA SER A 87 30.86 9.18 6.45
C SER A 87 31.15 8.63 7.84
N TYR A 88 30.08 8.20 8.52
CA TYR A 88 30.20 7.64 9.87
C TYR A 88 31.18 6.47 9.91
N VAL A 89 31.35 5.78 8.80
CA VAL A 89 32.28 4.68 8.73
C VAL A 89 33.65 5.25 8.41
N ARG A 90 33.67 6.18 7.46
CA ARG A 90 34.91 6.83 7.04
C ARG A 90 35.65 7.37 8.25
N GLU A 91 34.90 7.84 9.26
CA GLU A 91 35.50 8.37 10.49
C GLU A 91 35.68 7.23 11.47
N THR A 92 34.62 6.95 12.22
CA THR A 92 34.59 5.87 13.18
C THR A 92 35.60 4.72 13.00
N LYS A 93 35.72 4.19 11.78
CA LYS A 93 36.64 3.07 11.55
C LYS A 93 38.00 3.42 10.96
N GLY A 94 38.17 4.68 10.56
CA GLY A 94 39.43 5.12 9.98
C GLY A 94 40.74 4.63 10.59
N LYS A 95 40.78 4.41 11.90
CA LYS A 95 42.01 3.96 12.52
C LYS A 95 42.07 2.47 12.81
N LEU A 96 40.97 1.75 12.58
CA LEU A 96 41.01 0.31 12.83
C LEU A 96 42.00 -0.31 11.86
N PRO A 97 42.71 -1.38 12.29
CA PRO A 97 43.67 -2.02 11.38
C PRO A 97 42.98 -2.68 10.19
N SER A 98 41.70 -3.01 10.39
CA SER A 98 40.89 -3.67 9.36
C SER A 98 40.09 -2.68 8.50
N TYR A 99 40.32 -1.39 8.72
CA TYR A 99 39.64 -0.31 8.02
C TYR A 99 39.45 -0.52 6.54
N LYS A 100 40.55 -0.67 5.81
CA LYS A 100 40.50 -0.88 4.37
C LYS A 100 39.41 -1.90 4.05
N GLU A 101 39.56 -3.10 4.61
CA GLU A 101 38.63 -4.21 4.43
C GLU A 101 37.18 -3.83 4.72
N LYS A 102 36.99 -3.13 5.83
CA LYS A 102 35.67 -2.70 6.26
C LYS A 102 35.13 -1.57 5.38
N MET A 103 35.99 -0.61 5.04
CA MET A 103 35.60 0.53 4.23
C MET A 103 35.07 0.14 2.85
N ALA A 104 35.74 -0.82 2.22
CA ALA A 104 35.35 -1.29 0.89
C ALA A 104 34.00 -1.97 0.93
N GLN A 105 33.76 -2.71 2.00
CA GLN A 105 32.50 -3.42 2.21
C GLN A 105 31.32 -2.44 2.18
N ALA A 106 31.48 -1.32 2.88
CA ALA A 106 30.46 -0.30 2.98
C ALA A 106 30.20 0.34 1.61
N TYR A 107 31.27 0.55 0.87
CA TYR A 107 31.14 1.12 -0.44
C TYR A 107 30.36 0.16 -1.32
N ASP A 108 30.68 -1.12 -1.19
CA ASP A 108 30.00 -2.15 -1.95
C ASP A 108 28.53 -2.20 -1.54
N PHE A 109 28.32 -2.32 -0.24
CA PHE A 109 27.00 -2.37 0.35
C PHE A 109 26.20 -1.15 -0.11
N ALA A 110 26.86 0.01 -0.16
CA ALA A 110 26.21 1.24 -0.58
C ALA A 110 25.80 1.25 -2.05
N LEU A 111 26.78 1.08 -2.93
CA LEU A 111 26.51 1.08 -4.37
C LEU A 111 25.50 0.02 -4.74
N ASP A 112 25.43 -1.03 -3.94
CA ASP A 112 24.53 -2.11 -4.22
C ASP A 112 23.06 -1.83 -3.93
N LYS A 113 22.80 -0.96 -2.96
CA LYS A 113 21.42 -0.66 -2.62
C LYS A 113 20.99 0.72 -3.07
N ILE A 114 21.95 1.63 -3.19
CA ILE A 114 21.65 3.02 -3.55
C ILE A 114 22.38 3.55 -4.79
N GLY A 115 23.43 2.86 -5.21
CA GLY A 115 24.18 3.32 -6.36
C GLY A 115 23.39 3.68 -7.60
N MET A 116 22.17 3.15 -7.70
CA MET A 116 21.28 3.39 -8.83
C MET A 116 20.58 4.73 -8.70
N GLU A 117 20.75 5.38 -7.56
CA GLU A 117 20.15 6.67 -7.27
C GLU A 117 20.78 7.66 -8.24
N ILE A 118 19.97 8.58 -8.77
CA ILE A 118 20.46 9.56 -9.76
C ILE A 118 21.49 10.54 -9.26
N MET A 119 21.57 10.70 -7.96
CA MET A 119 22.49 11.66 -7.39
C MET A 119 23.62 10.99 -6.63
N SER A 120 23.95 9.76 -7.01
CA SER A 120 24.98 8.98 -6.33
C SER A 120 26.41 9.17 -6.78
N TYR A 121 26.62 9.84 -7.92
CA TYR A 121 27.96 10.05 -8.47
C TYR A 121 29.14 10.02 -7.47
N GLN A 122 29.10 10.90 -6.47
CA GLN A 122 30.18 10.97 -5.49
C GLN A 122 30.61 9.67 -4.81
N ILE A 123 29.65 8.84 -4.41
CA ILE A 123 29.95 7.56 -3.74
C ILE A 123 30.87 6.76 -4.63
N TRP A 124 30.54 6.72 -5.92
CA TRP A 124 31.36 5.99 -6.89
C TRP A 124 32.77 6.53 -6.86
N VAL A 125 32.91 7.84 -6.92
CA VAL A 125 34.22 8.47 -6.89
C VAL A 125 34.91 8.20 -5.55
N ASP A 126 34.23 8.48 -4.46
CA ASP A 126 34.79 8.24 -3.14
C ASP A 126 35.33 6.82 -3.06
N TYR A 127 34.63 5.89 -3.71
CA TYR A 127 35.07 4.50 -3.70
C TYR A 127 36.33 4.35 -4.55
N ILE A 128 36.29 4.87 -5.77
CA ILE A 128 37.44 4.76 -6.65
C ILE A 128 38.69 5.42 -6.07
N ASN A 129 38.52 6.57 -5.45
CA ASN A 129 39.64 7.29 -4.85
C ASN A 129 40.15 6.50 -3.67
N PHE A 130 39.22 5.94 -2.91
CA PHE A 130 39.59 5.11 -1.78
C PHE A 130 40.48 4.00 -2.32
N LEU A 131 40.02 3.34 -3.38
CA LEU A 131 40.76 2.24 -3.99
C LEU A 131 42.13 2.59 -4.56
N LYS A 132 42.19 3.62 -5.39
CA LYS A 132 43.47 4.06 -5.92
C LYS A 132 44.42 4.28 -4.73
N GLY A 133 43.89 4.86 -3.67
CA GLY A 133 44.69 5.13 -2.49
C GLY A 133 45.33 3.94 -1.81
N VAL A 134 44.62 2.82 -1.73
CA VAL A 134 45.16 1.63 -1.09
C VAL A 134 46.61 1.42 -1.48
N GLU A 135 47.47 1.20 -0.48
CA GLU A 135 48.89 0.98 -0.75
C GLU A 135 49.12 -0.40 -1.33
N ALA A 136 49.97 -0.45 -2.36
CA ALA A 136 50.31 -1.71 -3.01
C ALA A 136 51.81 -1.72 -3.31
N VAL A 137 52.50 -2.72 -2.76
CA VAL A 137 53.94 -2.87 -2.95
C VAL A 137 54.23 -4.12 -3.77
N GLY A 138 54.86 -3.92 -4.92
CA GLY A 138 55.17 -5.04 -5.77
C GLY A 138 54.49 -4.86 -7.11
N SER A 139 53.92 -5.94 -7.64
CA SER A 139 53.26 -5.86 -8.93
C SER A 139 51.94 -6.61 -8.92
N TYR A 140 51.94 -7.81 -8.33
CA TYR A 140 50.72 -8.58 -8.25
C TYR A 140 49.77 -7.77 -7.36
N ALA A 141 50.37 -6.88 -6.59
CA ALA A 141 49.64 -6.02 -5.68
C ALA A 141 49.01 -4.85 -6.43
N GLU A 142 49.86 -4.10 -7.14
CA GLU A 142 49.40 -2.94 -7.90
C GLU A 142 48.39 -3.38 -8.96
N ASN A 143 48.72 -4.44 -9.68
CA ASN A 143 47.83 -4.91 -10.71
C ASN A 143 46.49 -5.37 -10.13
N GLN A 144 46.51 -5.74 -8.85
CA GLN A 144 45.29 -6.16 -8.18
C GLN A 144 44.44 -4.91 -7.92
N ARG A 145 45.12 -3.80 -7.72
CA ARG A 145 44.47 -2.52 -7.48
C ARG A 145 43.75 -2.13 -8.74
N ILE A 146 44.46 -2.26 -9.86
CA ILE A 146 43.90 -1.93 -11.17
C ILE A 146 42.63 -2.73 -11.44
N THR A 147 42.70 -4.03 -11.20
CA THR A 147 41.55 -4.90 -11.40
C THR A 147 40.38 -4.35 -10.58
N ALA A 148 40.71 -3.85 -9.39
CA ALA A 148 39.72 -3.30 -8.47
C ALA A 148 39.15 -1.96 -8.91
N VAL A 149 40.02 -1.03 -9.26
CA VAL A 149 39.55 0.28 -9.69
C VAL A 149 38.84 0.12 -11.04
N ARG A 150 39.47 -0.64 -11.93
CA ARG A 150 38.92 -0.88 -13.26
C ARG A 150 37.48 -1.32 -13.11
N ARG A 151 37.23 -2.14 -12.10
CA ARG A 151 35.90 -2.67 -11.87
C ARG A 151 34.85 -1.63 -11.50
N VAL A 152 35.17 -0.70 -10.59
CA VAL A 152 34.18 0.29 -10.20
C VAL A 152 33.91 1.26 -11.34
N TYR A 153 34.95 1.60 -12.10
CA TYR A 153 34.81 2.48 -13.26
C TYR A 153 33.85 1.84 -14.25
N GLN A 154 34.17 0.61 -14.63
CA GLN A 154 33.36 -0.15 -15.58
C GLN A 154 31.92 -0.31 -15.15
N ARG A 155 31.72 -0.51 -13.85
CA ARG A 155 30.38 -0.69 -13.30
C ARG A 155 29.65 0.64 -13.25
N GLY A 156 30.41 1.71 -13.00
CA GLY A 156 29.83 3.03 -12.92
C GLY A 156 29.44 3.59 -14.27
N CYS A 157 30.38 3.56 -15.20
CA CYS A 157 30.16 4.07 -16.55
C CYS A 157 29.14 3.31 -17.34
N VAL A 158 28.15 2.75 -16.66
CA VAL A 158 27.08 2.02 -17.33
C VAL A 158 25.86 2.26 -16.46
N ASN A 159 26.09 2.98 -15.37
CA ASN A 159 25.05 3.31 -14.41
C ASN A 159 24.58 4.75 -14.58
N PRO A 160 23.37 4.94 -15.13
CA PRO A 160 22.73 6.24 -15.38
C PRO A 160 22.68 7.17 -14.19
N MET A 161 23.45 8.25 -14.23
CA MET A 161 23.44 9.21 -13.14
C MET A 161 23.98 10.56 -13.60
N ILE A 162 23.69 11.62 -12.85
CA ILE A 162 24.08 12.96 -13.22
C ILE A 162 25.47 13.17 -13.84
N ASN A 163 26.55 12.86 -13.13
CA ASN A 163 27.86 13.09 -13.74
C ASN A 163 28.44 11.88 -14.45
N ILE A 164 27.56 11.04 -14.98
CA ILE A 164 27.98 9.83 -15.67
C ILE A 164 29.10 10.13 -16.64
N GLU A 165 29.22 11.39 -17.03
CA GLU A 165 30.27 11.80 -17.98
C GLU A 165 31.60 12.02 -17.29
N GLN A 166 31.61 12.77 -16.19
CA GLN A 166 32.85 13.01 -15.48
C GLN A 166 33.42 11.69 -14.98
N LEU A 167 32.61 10.63 -14.98
CA LEU A 167 33.13 9.34 -14.54
C LEU A 167 33.82 8.71 -15.76
N TRP A 168 33.15 8.73 -16.90
CA TRP A 168 33.72 8.16 -18.13
C TRP A 168 35.00 8.91 -18.50
N ARG A 169 35.02 10.20 -18.23
CA ARG A 169 36.19 11.02 -18.52
C ARG A 169 37.39 10.44 -17.78
N ASP A 170 37.33 10.50 -16.45
CA ASP A 170 38.41 9.98 -15.62
C ASP A 170 38.73 8.51 -15.87
N TYR A 171 37.75 7.72 -16.31
CA TYR A 171 38.04 6.33 -16.56
C TYR A 171 39.07 6.33 -17.67
N ASN A 172 38.72 6.98 -18.78
CA ASN A 172 39.62 7.07 -19.91
C ASN A 172 41.03 7.45 -19.48
N LYS A 173 41.14 8.54 -18.73
CA LYS A 173 42.43 9.01 -18.26
C LYS A 173 43.15 8.02 -17.34
N TYR A 174 42.41 7.05 -16.80
CA TYR A 174 43.01 6.07 -15.90
C TYR A 174 43.71 4.97 -16.72
N GLU A 175 43.01 4.45 -17.73
CA GLU A 175 43.57 3.42 -18.61
C GLU A 175 44.79 4.06 -19.25
N GLU A 176 44.54 5.16 -19.97
CA GLU A 176 45.59 5.92 -20.63
C GLU A 176 46.73 6.11 -19.62
N GLY A 177 46.36 6.17 -18.35
CA GLY A 177 47.37 6.35 -17.33
C GLY A 177 48.25 5.14 -17.06
N ILE A 178 47.77 3.95 -17.39
CA ILE A 178 48.57 2.77 -17.15
C ILE A 178 49.06 2.12 -18.43
N ASN A 179 48.56 2.60 -19.57
CA ASN A 179 48.98 2.10 -20.88
C ASN A 179 48.25 2.78 -22.01
N ILE A 180 48.89 3.80 -22.59
CA ILE A 180 48.29 4.57 -23.68
C ILE A 180 47.91 3.73 -24.89
N HIS A 181 48.64 2.63 -25.09
CA HIS A 181 48.40 1.73 -26.21
C HIS A 181 47.10 0.96 -26.04
N LEU A 182 47.16 -0.02 -25.15
CA LEU A 182 46.03 -0.89 -24.86
C LEU A 182 44.79 -0.13 -24.39
N ALA A 183 45.01 1.09 -23.89
CA ALA A 183 43.92 1.93 -23.41
C ALA A 183 42.91 2.18 -24.51
N LYS A 184 43.41 2.56 -25.69
CA LYS A 184 42.55 2.82 -26.83
C LYS A 184 41.46 1.76 -26.98
N LYS A 185 41.87 0.50 -27.00
CA LYS A 185 40.92 -0.62 -27.17
C LYS A 185 40.14 -0.91 -25.89
N MET A 186 40.80 -0.76 -24.75
CA MET A 186 40.17 -0.97 -23.45
C MET A 186 38.93 -0.09 -23.35
N ILE A 187 39.05 1.13 -23.86
CA ILE A 187 37.98 2.12 -23.85
C ILE A 187 36.99 1.89 -24.98
N GLU A 188 37.50 1.74 -26.20
CA GLU A 188 36.65 1.51 -27.36
C GLU A 188 35.75 0.30 -27.18
N ASP A 189 36.22 -0.65 -26.37
CA ASP A 189 35.47 -1.88 -26.14
C ASP A 189 34.22 -1.74 -25.28
N ARG A 190 34.14 -0.67 -24.49
CA ARG A 190 32.97 -0.48 -23.64
C ARG A 190 32.27 0.86 -23.82
N SER A 191 32.50 1.49 -24.97
CA SER A 191 31.89 2.78 -25.25
C SER A 191 30.44 2.66 -25.74
N ARG A 192 30.14 1.60 -26.50
CA ARG A 192 28.78 1.43 -27.00
C ARG A 192 27.80 1.30 -25.84
N ASP A 193 28.26 0.74 -24.72
CA ASP A 193 27.41 0.58 -23.55
C ASP A 193 27.34 1.86 -22.75
N TYR A 194 28.47 2.57 -22.71
CA TYR A 194 28.52 3.84 -21.99
C TYR A 194 27.62 4.86 -22.68
N MET A 195 27.67 4.93 -24.01
CA MET A 195 26.83 5.87 -24.73
C MET A 195 25.38 5.56 -24.36
N ASN A 196 25.00 4.30 -24.57
CA ASN A 196 23.67 3.81 -24.25
C ASN A 196 23.25 4.24 -22.86
N ALA A 197 24.21 4.32 -21.94
CA ALA A 197 23.93 4.72 -20.54
C ALA A 197 23.94 6.23 -20.34
N ARG A 198 24.89 6.91 -20.96
CA ARG A 198 25.05 8.37 -20.87
C ARG A 198 23.78 9.00 -21.40
N ARG A 199 23.08 8.26 -22.25
CA ARG A 199 21.84 8.73 -22.82
C ARG A 199 20.75 8.60 -21.76
N VAL A 200 20.44 7.37 -21.38
CA VAL A 200 19.43 7.09 -20.37
C VAL A 200 19.66 7.99 -19.17
N ALA A 201 20.92 8.31 -18.93
CA ALA A 201 21.28 9.20 -17.84
C ALA A 201 20.51 10.51 -18.04
N LYS A 202 20.53 11.02 -19.27
CA LYS A 202 19.84 12.25 -19.60
C LYS A 202 18.32 12.11 -19.49
N GLU A 203 17.77 11.01 -19.99
CA GLU A 203 16.32 10.78 -19.90
C GLU A 203 15.92 10.80 -18.43
N TYR A 204 16.69 10.04 -17.64
CA TYR A 204 16.50 9.90 -16.19
C TYR A 204 16.64 11.28 -15.55
N GLU A 205 17.66 12.00 -15.98
CA GLU A 205 17.96 13.34 -15.53
C GLU A 205 16.72 14.22 -15.53
N THR A 206 15.86 14.02 -16.53
CA THR A 206 14.64 14.81 -16.63
C THR A 206 13.56 14.34 -15.66
N VAL A 207 12.98 13.19 -15.94
CA VAL A 207 11.94 12.63 -15.06
C VAL A 207 12.11 12.97 -13.57
N MET A 208 13.35 13.03 -13.11
CA MET A 208 13.59 13.31 -11.70
C MET A 208 13.54 14.78 -11.29
N LYS A 209 13.93 15.69 -12.20
CA LYS A 209 13.94 17.11 -11.87
C LYS A 209 12.64 17.64 -11.29
N GLY A 210 11.51 17.13 -11.76
CA GLY A 210 10.25 17.60 -11.22
C GLY A 210 9.93 17.10 -9.81
N LEU A 211 10.33 15.86 -9.54
CA LEU A 211 10.07 15.21 -8.26
C LEU A 211 10.69 15.85 -7.04
N ASP A 212 9.98 15.72 -5.92
CA ASP A 212 10.42 16.24 -4.64
C ASP A 212 11.57 15.36 -4.12
N ARG A 213 11.23 14.32 -3.35
CA ARG A 213 12.20 13.38 -2.81
C ARG A 213 12.58 13.57 -1.35
N ASN A 214 12.06 14.62 -0.73
CA ASN A 214 12.36 14.89 0.67
C ASN A 214 11.11 15.24 1.46
N ALA A 215 10.00 15.32 0.76
CA ALA A 215 8.74 15.67 1.39
C ALA A 215 8.31 14.57 2.34
N PRO A 216 7.88 14.95 3.55
CA PRO A 216 7.44 13.97 4.55
C PRO A 216 6.22 13.18 4.03
N SER A 217 6.19 11.87 4.27
CA SER A 217 5.09 11.06 3.81
C SER A 217 3.89 11.35 4.70
N VAL A 218 2.78 11.76 4.07
CA VAL A 218 1.57 12.12 4.80
C VAL A 218 0.30 11.51 4.19
N PRO A 219 -0.62 11.01 5.02
CA PRO A 219 -1.85 10.42 4.47
C PRO A 219 -2.61 11.42 3.60
N PRO A 220 -3.22 10.95 2.50
CA PRO A 220 -3.96 11.85 1.60
C PRO A 220 -5.13 12.50 2.32
N GLN A 221 -5.32 13.80 2.09
CA GLN A 221 -6.39 14.57 2.74
C GLN A 221 -7.18 15.43 1.74
N PRO A 224 -3.58 19.10 -4.46
CA PRO A 224 -3.13 20.30 -5.17
C PRO A 224 -1.74 20.12 -5.78
N GLN A 225 -0.81 19.68 -4.94
CA GLN A 225 0.57 19.44 -5.35
C GLN A 225 0.88 17.95 -5.21
N GLU A 226 0.28 17.32 -4.20
CA GLU A 226 0.49 15.88 -3.97
C GLU A 226 -0.04 15.11 -5.17
N ALA A 227 -1.21 15.51 -5.67
CA ALA A 227 -1.81 14.88 -6.84
C ALA A 227 -0.97 15.27 -8.06
N GLN A 228 -0.24 16.38 -7.94
CA GLN A 228 0.63 16.87 -9.00
C GLN A 228 1.93 16.06 -8.97
N GLN A 229 2.51 15.93 -7.79
CA GLN A 229 3.73 15.16 -7.60
C GLN A 229 3.40 13.69 -7.81
N VAL A 230 2.21 13.28 -7.42
CA VAL A 230 1.79 11.90 -7.62
C VAL A 230 1.96 11.61 -9.10
N ASP A 231 1.52 12.56 -9.91
CA ASP A 231 1.59 12.50 -11.36
C ASP A 231 3.03 12.23 -11.79
N MET A 232 3.93 13.10 -11.39
CA MET A 232 5.33 12.95 -11.73
C MET A 232 5.95 11.61 -11.35
N TRP A 233 5.67 11.12 -10.14
CA TRP A 233 6.23 9.86 -9.73
C TRP A 233 5.85 8.70 -10.67
N LYS A 234 4.55 8.54 -10.92
CA LYS A 234 4.12 7.46 -11.78
C LYS A 234 4.74 7.55 -13.17
N LYS A 235 5.04 8.75 -13.63
CA LYS A 235 5.67 8.90 -14.94
C LYS A 235 7.03 8.22 -14.87
N TYR A 236 7.81 8.62 -13.87
CA TYR A 236 9.16 8.09 -13.62
C TYR A 236 9.07 6.58 -13.52
N ILE A 237 8.08 6.08 -12.80
CA ILE A 237 7.90 4.64 -12.64
C ILE A 237 7.63 4.02 -14.00
N GLN A 238 6.73 4.63 -14.75
CA GLN A 238 6.40 4.14 -16.07
C GLN A 238 7.65 4.19 -16.94
N TRP A 239 8.31 5.34 -16.97
CA TRP A 239 9.53 5.52 -17.73
C TRP A 239 10.43 4.28 -17.56
N GLU A 240 10.68 3.93 -16.31
CA GLU A 240 11.51 2.80 -15.98
C GLU A 240 10.90 1.48 -16.50
N LYS A 241 9.58 1.40 -16.57
CA LYS A 241 8.90 0.19 -17.04
C LYS A 241 8.97 0.03 -18.55
N SER A 242 9.16 1.13 -19.26
CA SER A 242 9.22 1.08 -20.70
C SER A 242 10.58 0.54 -21.18
N ASN A 243 11.57 0.53 -20.28
CA ASN A 243 12.90 0.03 -20.57
C ASN A 243 13.83 1.03 -21.27
N PRO A 244 14.13 2.15 -20.60
CA PRO A 244 15.00 3.20 -21.11
C PRO A 244 16.24 2.61 -21.76
N LEU A 245 17.03 1.90 -20.97
CA LEU A 245 18.22 1.23 -21.50
C LEU A 245 17.61 0.17 -22.39
N ARG A 246 17.68 0.34 -23.70
CA ARG A 246 17.08 -0.65 -24.58
C ARG A 246 17.86 -1.94 -24.37
N THR A 247 17.43 -2.75 -23.38
CA THR A 247 18.10 -4.01 -23.05
C THR A 247 17.20 -5.23 -22.91
N GLU A 248 17.73 -6.36 -23.35
CA GLU A 248 16.99 -7.62 -23.30
C GLU A 248 16.99 -8.23 -21.90
N ASP A 249 17.72 -7.60 -20.98
CA ASP A 249 17.78 -8.12 -19.63
C ASP A 249 16.56 -7.69 -18.84
N GLN A 250 15.69 -8.64 -18.54
CA GLN A 250 14.47 -8.35 -17.80
C GLN A 250 14.73 -7.99 -16.34
N THR A 251 15.62 -8.73 -15.70
CA THR A 251 15.91 -8.48 -14.30
C THR A 251 16.48 -7.08 -14.10
N LEU A 252 17.23 -6.57 -15.08
CA LEU A 252 17.79 -5.24 -14.95
C LEU A 252 16.71 -4.17 -15.14
N ILE A 253 15.54 -4.56 -15.62
CA ILE A 253 14.45 -3.62 -15.82
C ILE A 253 13.70 -3.59 -14.50
N THR A 254 13.29 -4.76 -14.04
CA THR A 254 12.57 -4.91 -12.80
C THR A 254 13.37 -4.20 -11.71
N LYS A 255 14.67 -4.44 -11.68
CA LYS A 255 15.53 -3.81 -10.69
C LYS A 255 15.26 -2.31 -10.73
N ARG A 256 15.52 -1.70 -11.87
CA ARG A 256 15.32 -0.26 -11.98
C ARG A 256 13.87 0.18 -11.80
N VAL A 257 12.92 -0.65 -12.14
CA VAL A 257 11.52 -0.25 -11.95
C VAL A 257 11.25 -0.34 -10.45
N MET A 258 11.71 -1.42 -9.83
CA MET A 258 11.52 -1.64 -8.39
C MET A 258 12.22 -0.57 -7.57
N PHE A 259 13.36 -0.11 -8.07
CA PHE A 259 14.10 0.93 -7.38
C PHE A 259 13.25 2.21 -7.38
N ALA A 260 12.55 2.44 -8.48
CA ALA A 260 11.70 3.61 -8.58
C ALA A 260 10.58 3.48 -7.56
N TYR A 261 9.82 2.40 -7.63
CA TYR A 261 8.76 2.21 -6.67
C TYR A 261 9.30 2.52 -5.29
N GLU A 262 10.52 2.06 -4.99
CA GLU A 262 11.13 2.31 -3.70
C GLU A 262 11.21 3.80 -3.36
N GLN A 263 11.93 4.54 -4.20
CA GLN A 263 12.08 5.97 -4.02
C GLN A 263 10.71 6.59 -3.74
N CYS A 264 9.79 6.36 -4.66
CA CYS A 264 8.44 6.88 -4.56
C CYS A 264 7.78 6.65 -3.19
N LEU A 265 7.77 5.41 -2.74
CA LEU A 265 7.16 5.07 -1.48
C LEU A 265 7.66 5.87 -0.28
N LEU A 266 8.85 6.44 -0.40
CA LEU A 266 9.45 7.23 0.67
C LEU A 266 8.63 8.47 0.95
N VAL A 267 7.98 8.96 -0.10
CA VAL A 267 7.16 10.17 -0.02
C VAL A 267 5.67 9.89 -0.09
N LEU A 268 5.29 8.96 -0.96
CA LEU A 268 3.89 8.58 -1.16
C LEU A 268 3.59 7.21 -0.57
N GLY A 269 4.19 6.88 0.56
CA GLY A 269 4.00 5.57 1.15
C GLY A 269 2.66 5.39 1.84
N HIS A 270 1.86 6.44 1.82
CA HIS A 270 0.54 6.38 2.45
C HIS A 270 -0.53 6.18 1.38
N HIS A 271 -0.11 5.71 0.22
CA HIS A 271 -1.02 5.45 -0.88
C HIS A 271 -1.10 3.94 -1.16
N PRO A 272 -2.15 3.27 -0.64
CA PRO A 272 -2.30 1.82 -0.85
C PRO A 272 -2.12 1.46 -2.32
N ASP A 273 -2.69 2.27 -3.20
CA ASP A 273 -2.62 1.98 -4.62
C ASP A 273 -1.22 1.79 -5.16
N ILE A 274 -0.25 2.54 -4.63
CA ILE A 274 1.11 2.39 -5.11
C ILE A 274 1.79 1.13 -4.57
N TRP A 275 1.52 0.76 -3.32
CA TRP A 275 2.10 -0.45 -2.77
C TRP A 275 1.61 -1.60 -3.63
N TYR A 276 0.30 -1.60 -3.86
CA TYR A 276 -0.34 -2.61 -4.67
C TYR A 276 0.25 -2.64 -6.08
N GLU A 277 0.17 -1.51 -6.77
CA GLU A 277 0.70 -1.44 -8.13
C GLU A 277 2.13 -1.93 -8.24
N ALA A 278 2.88 -1.81 -7.16
CA ALA A 278 4.28 -2.23 -7.17
C ALA A 278 4.39 -3.71 -7.01
N ALA A 279 3.51 -4.27 -6.18
CA ALA A 279 3.52 -5.71 -5.94
C ALA A 279 2.87 -6.41 -7.14
N GLN A 280 2.18 -5.63 -7.96
CA GLN A 280 1.52 -6.19 -9.13
C GLN A 280 2.59 -6.37 -10.17
N TYR A 281 3.45 -5.37 -10.29
CA TYR A 281 4.54 -5.43 -11.25
C TYR A 281 5.50 -6.56 -10.90
N LEU A 282 5.68 -6.83 -9.61
CA LEU A 282 6.59 -7.89 -9.22
C LEU A 282 6.03 -9.24 -9.63
N GLU A 283 4.76 -9.48 -9.29
CA GLU A 283 4.11 -10.73 -9.63
C GLU A 283 4.21 -10.93 -11.12
N GLN A 284 3.94 -9.88 -11.86
CA GLN A 284 4.02 -9.93 -13.31
C GLN A 284 5.45 -10.29 -13.73
N SER A 285 6.38 -9.36 -13.57
CA SER A 285 7.78 -9.61 -13.90
C SER A 285 8.17 -11.05 -13.57
N SER A 286 7.55 -11.57 -12.51
CA SER A 286 7.83 -12.92 -12.04
C SER A 286 7.48 -14.01 -13.04
N LYS A 287 6.18 -14.20 -13.25
CA LYS A 287 5.72 -15.22 -14.17
C LYS A 287 6.17 -14.96 -15.61
N LEU A 288 6.55 -13.73 -15.91
CA LEU A 288 7.03 -13.40 -17.25
C LEU A 288 8.46 -13.91 -17.39
N LEU A 289 8.97 -14.50 -16.31
CA LEU A 289 10.31 -15.08 -16.30
C LEU A 289 10.16 -16.60 -16.24
N ALA A 290 9.06 -17.06 -15.65
CA ALA A 290 8.78 -18.49 -15.54
C ALA A 290 8.53 -19.06 -16.93
N GLU A 291 8.18 -18.17 -17.86
CA GLU A 291 7.89 -18.54 -19.24
C GLU A 291 9.20 -18.71 -20.02
N LYS A 292 10.02 -17.67 -20.02
CA LYS A 292 11.29 -17.71 -20.74
C LYS A 292 12.34 -18.64 -20.12
N GLY A 293 11.88 -19.56 -19.27
CA GLY A 293 12.78 -20.53 -18.67
C GLY A 293 13.53 -20.14 -17.42
N ASP A 294 13.72 -18.84 -17.19
CA ASP A 294 14.44 -18.36 -16.01
C ASP A 294 13.63 -18.61 -14.74
N MET A 295 13.83 -19.77 -14.13
CA MET A 295 13.09 -20.15 -12.93
C MET A 295 13.63 -19.65 -11.61
N ASN A 296 14.94 -19.69 -11.42
CA ASN A 296 15.51 -19.21 -10.17
C ASN A 296 15.25 -17.72 -10.04
N ASN A 297 15.76 -16.96 -11.00
CA ASN A 297 15.60 -15.51 -11.01
C ASN A 297 14.11 -15.14 -10.94
N ALA A 298 13.24 -16.13 -11.03
CA ALA A 298 11.80 -15.89 -10.98
C ALA A 298 11.22 -16.05 -9.58
N LYS A 299 11.36 -17.24 -9.00
CA LYS A 299 10.82 -17.47 -7.65
C LYS A 299 11.32 -16.43 -6.69
N LEU A 300 12.31 -15.66 -7.14
CA LEU A 300 12.89 -14.58 -6.34
C LEU A 300 11.85 -13.47 -6.26
N PHE A 301 11.49 -12.93 -7.43
CA PHE A 301 10.51 -11.87 -7.53
C PHE A 301 9.16 -12.33 -6.99
N SER A 302 8.85 -13.60 -7.18
CA SER A 302 7.60 -14.14 -6.69
C SER A 302 7.59 -14.05 -5.17
N ASP A 303 8.69 -14.46 -4.56
CA ASP A 303 8.82 -14.43 -3.11
C ASP A 303 8.85 -13.01 -2.59
N GLU A 304 9.54 -12.13 -3.31
CA GLU A 304 9.67 -10.76 -2.90
C GLU A 304 8.35 -9.99 -3.03
N ALA A 305 7.63 -10.20 -4.13
CA ALA A 305 6.35 -9.53 -4.35
C ALA A 305 5.48 -9.69 -3.12
N ALA A 306 5.63 -10.82 -2.45
CA ALA A 306 4.86 -11.07 -1.26
C ALA A 306 5.38 -10.14 -0.17
N ASN A 307 6.67 -9.84 -0.22
CA ASN A 307 7.28 -8.98 0.78
C ASN A 307 6.87 -7.52 0.64
N ILE A 308 6.44 -7.10 -0.55
CA ILE A 308 5.98 -5.73 -0.76
C ILE A 308 4.72 -5.59 0.09
N TYR A 309 3.94 -6.65 0.15
CA TYR A 309 2.73 -6.64 0.95
C TYR A 309 3.07 -6.56 2.43
N GLU A 310 3.93 -7.46 2.90
CA GLU A 310 4.33 -7.45 4.30
C GLU A 310 4.73 -6.05 4.74
N ARG A 311 5.71 -5.49 4.05
CA ARG A 311 6.19 -4.15 4.38
C ARG A 311 5.07 -3.14 4.50
N ALA A 312 4.30 -2.99 3.43
CA ALA A 312 3.19 -2.05 3.41
C ALA A 312 2.26 -2.17 4.61
N ILE A 313 1.84 -3.37 4.94
CA ILE A 313 0.92 -3.54 6.05
C ILE A 313 1.64 -3.69 7.38
N SER A 314 2.93 -3.41 7.36
CA SER A 314 3.68 -3.54 8.59
C SER A 314 4.43 -2.26 8.94
N THR A 315 4.33 -1.25 8.06
CA THR A 315 4.99 0.01 8.32
C THR A 315 4.02 1.19 8.27
N LEU A 316 3.83 1.79 7.10
CA LEU A 316 2.93 2.94 6.97
C LEU A 316 1.42 2.65 6.94
N LEU A 317 1.02 1.44 6.53
CA LEU A 317 -0.41 1.10 6.48
C LEU A 317 -0.70 -0.21 7.24
N LYS A 318 -0.80 -0.11 8.56
CA LYS A 318 -1.03 -1.27 9.41
C LYS A 318 -2.49 -1.66 9.53
N LYS A 319 -3.38 -0.69 9.43
CA LYS A 319 -4.82 -0.95 9.55
C LYS A 319 -5.55 -0.91 8.22
N ASN A 320 -4.85 -1.21 7.13
CA ASN A 320 -5.42 -1.15 5.79
C ASN A 320 -5.97 -2.46 5.18
N MET A 321 -7.27 -2.71 5.34
CA MET A 321 -7.90 -3.92 4.82
C MET A 321 -7.59 -4.23 3.36
N LEU A 322 -7.50 -3.19 2.55
CA LEU A 322 -7.22 -3.38 1.14
C LEU A 322 -5.93 -4.20 0.92
N LEU A 323 -4.81 -3.73 1.43
CA LEU A 323 -3.55 -4.45 1.24
C LEU A 323 -3.52 -5.78 1.96
N TYR A 324 -4.29 -5.92 3.03
CA TYR A 324 -4.34 -7.20 3.73
C TYR A 324 -5.00 -8.18 2.77
N PHE A 325 -6.20 -7.85 2.33
CA PHE A 325 -6.90 -8.72 1.40
C PHE A 325 -6.02 -8.97 0.19
N ALA A 326 -5.49 -7.91 -0.42
CA ALA A 326 -4.63 -8.06 -1.58
C ALA A 326 -3.47 -9.00 -1.27
N TYR A 327 -3.10 -9.06 0.00
CA TYR A 327 -2.00 -9.90 0.47
C TYR A 327 -2.54 -11.32 0.56
N ALA A 328 -3.53 -11.49 1.43
CA ALA A 328 -4.16 -12.77 1.61
C ALA A 328 -4.40 -13.42 0.24
N ASP A 329 -4.95 -12.64 -0.69
CA ASP A 329 -5.21 -13.17 -2.02
C ASP A 329 -3.96 -13.70 -2.68
N TYR A 330 -2.91 -12.88 -2.70
CA TYR A 330 -1.64 -13.27 -3.31
C TYR A 330 -1.11 -14.58 -2.77
N GLU A 331 -1.07 -14.71 -1.46
CA GLU A 331 -0.58 -15.96 -0.89
C GLU A 331 -1.57 -17.11 -1.22
N GLU A 332 -2.84 -16.79 -1.33
CA GLU A 332 -3.84 -17.81 -1.66
C GLU A 332 -3.63 -18.29 -3.09
N SER A 333 -3.28 -17.39 -3.99
CA SER A 333 -3.03 -17.79 -5.36
C SER A 333 -1.83 -18.71 -5.38
N ARG A 334 -0.83 -18.39 -4.57
CA ARG A 334 0.38 -19.21 -4.52
C ARG A 334 0.12 -20.47 -3.73
N MET A 335 -1.15 -20.70 -3.41
CA MET A 335 -1.54 -21.92 -2.70
C MET A 335 -0.95 -22.10 -1.30
N LYS A 336 -0.44 -21.02 -0.71
CA LYS A 336 0.14 -21.05 0.64
C LYS A 336 -0.98 -20.81 1.62
N TYR A 337 -2.01 -21.65 1.55
CA TYR A 337 -3.19 -21.52 2.40
C TYR A 337 -2.92 -21.35 3.89
N GLU A 338 -1.71 -21.69 4.31
CA GLU A 338 -1.39 -21.56 5.72
C GLU A 338 -1.20 -20.09 6.06
N LYS A 339 -0.34 -19.44 5.28
CA LYS A 339 -0.03 -18.02 5.47
C LYS A 339 -1.26 -17.17 5.34
N VAL A 340 -2.13 -17.50 4.37
CA VAL A 340 -3.35 -16.72 4.18
C VAL A 340 -4.07 -16.60 5.53
N HIS A 341 -4.18 -17.71 6.24
CA HIS A 341 -4.84 -17.72 7.55
C HIS A 341 -4.19 -16.72 8.50
N SER A 342 -2.86 -16.75 8.55
CA SER A 342 -2.13 -15.86 9.43
C SER A 342 -2.39 -14.42 9.07
N ILE A 343 -2.43 -14.11 7.77
CA ILE A 343 -2.67 -12.75 7.33
C ILE A 343 -4.03 -12.24 7.80
N TYR A 344 -5.08 -13.02 7.57
CA TYR A 344 -6.39 -12.60 8.02
C TYR A 344 -6.44 -12.45 9.54
N ASN A 345 -5.73 -13.31 10.26
CA ASN A 345 -5.76 -13.23 11.72
C ASN A 345 -4.94 -12.09 12.31
N ARG A 346 -3.93 -11.64 11.59
CA ARG A 346 -3.13 -10.53 12.08
C ARG A 346 -4.01 -9.28 12.05
N LEU A 347 -4.80 -9.16 11.00
CA LEU A 347 -5.70 -8.02 10.84
C LEU A 347 -6.74 -8.03 11.95
N LEU A 348 -7.32 -9.20 12.17
CA LEU A 348 -8.32 -9.37 13.21
C LEU A 348 -7.69 -9.05 14.57
N ALA A 349 -6.42 -9.40 14.70
CA ALA A 349 -5.66 -9.17 15.94
C ALA A 349 -5.70 -7.73 16.37
N ILE A 350 -5.67 -6.80 15.41
CA ILE A 350 -5.69 -5.39 15.74
C ILE A 350 -6.93 -4.95 16.52
N GLU A 351 -6.65 -4.39 17.70
CA GLU A 351 -7.64 -3.87 18.61
C GLU A 351 -8.85 -3.20 17.97
N ASP A 352 -8.60 -2.08 17.29
CA ASP A 352 -9.68 -1.35 16.67
C ASP A 352 -9.68 -1.31 15.15
N ILE A 353 -10.75 -1.87 14.59
CA ILE A 353 -11.02 -1.91 13.17
C ILE A 353 -12.44 -2.41 13.22
N ASP A 354 -13.14 -2.41 12.09
CA ASP A 354 -14.49 -2.95 12.10
C ASP A 354 -14.27 -4.28 11.40
N PRO A 355 -13.98 -5.32 12.20
CA PRO A 355 -13.71 -6.69 11.78
C PRO A 355 -14.69 -7.29 10.78
N THR A 356 -15.93 -6.81 10.80
CA THR A 356 -16.97 -7.33 9.91
C THR A 356 -16.54 -7.68 8.50
N LEU A 357 -16.05 -6.71 7.75
CA LEU A 357 -15.63 -7.01 6.40
C LEU A 357 -14.55 -8.09 6.37
N VAL A 358 -13.56 -7.96 7.24
CA VAL A 358 -12.47 -8.94 7.29
C VAL A 358 -13.00 -10.36 7.48
N TYR A 359 -13.96 -10.53 8.40
CA TYR A 359 -14.54 -11.85 8.64
C TYR A 359 -15.16 -12.32 7.34
N ILE A 360 -15.91 -11.42 6.71
CA ILE A 360 -16.58 -11.69 5.46
C ILE A 360 -15.59 -12.09 4.37
N GLN A 361 -14.46 -11.39 4.35
CA GLN A 361 -13.42 -11.68 3.38
C GLN A 361 -12.70 -12.98 3.71
N TYR A 362 -12.47 -13.19 5.00
CA TYR A 362 -11.80 -14.39 5.50
C TYR A 362 -12.65 -15.66 5.28
N MET A 363 -13.90 -15.57 5.70
CA MET A 363 -14.84 -16.66 5.57
C MET A 363 -15.12 -17.04 4.12
N LYS A 364 -14.92 -16.08 3.21
CA LYS A 364 -15.14 -16.29 1.77
C LYS A 364 -13.95 -17.03 1.18
N PHE A 365 -12.75 -16.70 1.67
CA PHE A 365 -11.52 -17.36 1.24
C PHE A 365 -11.61 -18.79 1.72
N ALA A 366 -11.94 -18.92 3.00
CA ALA A 366 -12.04 -20.22 3.66
C ALA A 366 -12.89 -21.23 2.89
N ARG A 367 -14.19 -20.96 2.79
CA ARG A 367 -15.08 -21.87 2.09
C ARG A 367 -14.47 -22.19 0.75
N ARG A 368 -14.32 -21.15 -0.06
CA ARG A 368 -13.75 -21.24 -1.40
C ARG A 368 -12.43 -22.01 -1.54
N ALA A 369 -11.67 -22.15 -0.46
CA ALA A 369 -10.37 -22.83 -0.56
C ALA A 369 -10.15 -24.03 0.36
N GLU A 370 -10.91 -24.10 1.44
CA GLU A 370 -10.73 -25.21 2.36
C GLU A 370 -12.02 -25.96 2.68
N GLY A 371 -13.07 -25.68 1.92
CA GLY A 371 -14.32 -26.38 2.14
C GLY A 371 -15.32 -25.76 3.10
N ILE A 372 -16.55 -26.27 3.01
CA ILE A 372 -17.66 -25.79 3.81
C ILE A 372 -17.47 -25.81 5.32
N LYS A 373 -16.73 -26.76 5.87
CA LYS A 373 -16.55 -26.73 7.31
C LYS A 373 -15.56 -25.64 7.72
N SER A 374 -14.43 -25.59 7.01
CA SER A 374 -13.40 -24.58 7.25
C SER A 374 -14.10 -23.23 7.37
N GLY A 375 -15.02 -22.98 6.43
CA GLY A 375 -15.77 -21.74 6.42
C GLY A 375 -16.56 -21.53 7.69
N ARG A 376 -17.24 -22.57 8.14
CA ARG A 376 -18.05 -22.48 9.36
C ARG A 376 -17.19 -22.25 10.61
N MET A 377 -15.88 -22.48 10.47
CA MET A 377 -14.95 -22.25 11.56
C MET A 377 -14.94 -20.74 11.74
N ILE A 378 -14.47 -20.05 10.71
CA ILE A 378 -14.38 -18.60 10.71
C ILE A 378 -15.70 -17.98 11.15
N PHE A 379 -16.80 -18.37 10.51
CA PHE A 379 -18.11 -17.82 10.86
C PHE A 379 -18.29 -17.85 12.36
N LYS A 380 -17.89 -18.95 12.98
CA LYS A 380 -18.02 -19.12 14.43
C LYS A 380 -17.20 -18.06 15.18
N LYS A 381 -15.97 -17.81 14.73
CA LYS A 381 -15.15 -16.81 15.37
C LYS A 381 -15.79 -15.45 15.15
N ALA A 382 -16.29 -15.24 13.94
CA ALA A 382 -16.94 -13.99 13.61
C ALA A 382 -18.02 -13.67 14.62
N ARG A 383 -18.87 -14.66 14.92
CA ARG A 383 -19.96 -14.45 15.87
C ARG A 383 -19.48 -14.22 17.30
N GLU A 384 -18.28 -14.70 17.62
CA GLU A 384 -17.73 -14.56 18.97
C GLU A 384 -16.87 -13.31 19.15
N ASP A 385 -16.89 -12.41 18.17
CA ASP A 385 -16.13 -11.17 18.24
C ASP A 385 -17.17 -10.07 18.49
N ALA A 386 -17.13 -9.49 19.69
CA ALA A 386 -18.07 -8.44 20.08
C ALA A 386 -18.18 -7.32 19.05
N ARG A 387 -17.15 -7.19 18.24
CA ARG A 387 -17.09 -6.15 17.22
C ARG A 387 -17.97 -6.43 15.99
N THR A 388 -17.93 -7.67 15.52
CA THR A 388 -18.68 -8.06 14.33
C THR A 388 -20.10 -7.52 14.24
N ARG A 389 -20.40 -6.85 13.14
CA ARG A 389 -21.72 -6.27 12.91
C ARG A 389 -22.61 -7.22 12.08
N HIS A 390 -23.91 -6.92 11.98
CA HIS A 390 -24.84 -7.79 11.27
C HIS A 390 -24.41 -8.37 9.92
N HIS A 391 -23.73 -7.57 9.11
CA HIS A 391 -23.31 -8.01 7.78
C HIS A 391 -22.79 -9.42 7.57
N VAL A 392 -22.10 -9.97 8.55
CA VAL A 392 -21.56 -11.30 8.36
C VAL A 392 -22.60 -12.42 8.42
N TYR A 393 -23.66 -12.26 9.22
CA TYR A 393 -24.69 -13.28 9.29
C TYR A 393 -25.44 -13.31 7.95
N VAL A 394 -25.42 -12.19 7.23
CA VAL A 394 -26.08 -12.12 5.92
C VAL A 394 -25.18 -12.84 4.94
N THR A 395 -23.93 -12.41 4.90
CA THR A 395 -22.92 -12.98 4.03
C THR A 395 -22.92 -14.51 4.15
N ALA A 396 -22.79 -14.97 5.38
CA ALA A 396 -22.76 -16.39 5.70
C ALA A 396 -24.01 -17.11 5.22
N ALA A 397 -25.17 -16.63 5.66
CA ALA A 397 -26.43 -17.23 5.27
C ALA A 397 -26.56 -17.38 3.74
N LEU A 398 -26.27 -16.32 3.00
CA LEU A 398 -26.38 -16.40 1.54
C LEU A 398 -25.44 -17.45 1.01
N MET A 399 -24.26 -17.54 1.62
CA MET A 399 -23.23 -18.49 1.22
C MET A 399 -23.79 -19.91 1.17
N GLU A 400 -24.55 -20.28 2.20
CA GLU A 400 -25.15 -21.61 2.24
C GLU A 400 -25.99 -21.71 0.97
N TYR A 401 -27.05 -20.91 0.94
CA TYR A 401 -27.95 -20.85 -0.20
C TYR A 401 -27.23 -20.88 -1.57
N TYR A 402 -26.32 -19.94 -1.80
CA TYR A 402 -25.60 -19.87 -3.08
C TYR A 402 -24.56 -20.95 -3.39
N CYS A 403 -24.02 -21.60 -2.37
CA CYS A 403 -23.02 -22.65 -2.60
C CYS A 403 -23.59 -24.03 -2.30
N SER A 404 -24.08 -24.21 -1.08
CA SER A 404 -24.65 -25.49 -0.70
C SER A 404 -25.94 -25.74 -1.47
N LYS A 405 -26.84 -24.77 -1.42
CA LYS A 405 -28.16 -24.82 -2.04
C LYS A 405 -29.10 -25.25 -0.93
N ASP A 406 -28.63 -25.05 0.30
CA ASP A 406 -29.39 -25.41 1.48
C ASP A 406 -30.18 -24.24 2.06
N LYS A 407 -31.50 -24.31 1.96
CA LYS A 407 -32.34 -23.24 2.48
C LYS A 407 -32.63 -23.40 3.96
N SER A 408 -31.93 -24.33 4.61
CA SER A 408 -32.13 -24.55 6.03
C SER A 408 -31.12 -23.76 6.84
N VAL A 409 -29.84 -24.08 6.65
CA VAL A 409 -28.78 -23.39 7.37
C VAL A 409 -28.96 -21.91 7.10
N ALA A 410 -29.44 -21.60 5.89
CA ALA A 410 -29.69 -20.23 5.47
C ALA A 410 -30.76 -19.57 6.36
N PHE A 411 -31.96 -20.14 6.38
CA PHE A 411 -33.08 -19.63 7.19
C PHE A 411 -32.66 -19.52 8.66
N LYS A 412 -31.91 -20.53 9.11
CA LYS A 412 -31.43 -20.55 10.49
C LYS A 412 -30.45 -19.41 10.70
N ILE A 413 -29.43 -19.32 9.84
CA ILE A 413 -28.44 -18.25 9.96
C ILE A 413 -29.11 -16.88 9.93
N PHE A 414 -30.15 -16.74 9.11
CA PHE A 414 -30.86 -15.47 9.03
C PHE A 414 -31.62 -15.31 10.32
N GLU A 415 -32.42 -16.31 10.66
CA GLU A 415 -33.22 -16.27 11.88
C GLU A 415 -32.33 -16.04 13.09
N LEU A 416 -31.22 -16.77 13.13
CA LEU A 416 -30.27 -16.66 14.22
C LEU A 416 -29.77 -15.23 14.25
N GLY A 417 -29.83 -14.58 13.08
CA GLY A 417 -29.39 -13.21 12.95
C GLY A 417 -30.50 -12.24 13.29
N LEU A 418 -31.67 -12.42 12.68
CA LEU A 418 -32.81 -11.55 12.93
C LEU A 418 -33.05 -11.41 14.43
N LYS A 419 -32.63 -12.43 15.16
CA LYS A 419 -32.77 -12.46 16.61
C LYS A 419 -31.92 -11.36 17.25
N LYS A 420 -30.62 -11.40 16.98
CA LYS A 420 -29.67 -10.43 17.55
C LYS A 420 -29.59 -9.07 16.83
N TYR A 421 -29.85 -9.04 15.52
CA TYR A 421 -29.77 -7.79 14.78
C TYR A 421 -31.09 -7.30 14.19
N GLY A 422 -32.19 -7.77 14.75
CA GLY A 422 -33.52 -7.39 14.26
C GLY A 422 -33.98 -5.95 14.38
N ASP A 423 -33.05 -5.05 14.70
CA ASP A 423 -33.36 -3.62 14.82
C ASP A 423 -32.48 -2.84 13.87
N ILE A 424 -31.91 -3.54 12.89
CA ILE A 424 -31.06 -2.92 11.88
C ILE A 424 -31.81 -2.99 10.56
N PRO A 425 -32.39 -1.86 10.13
CA PRO A 425 -33.14 -1.79 8.87
C PRO A 425 -32.42 -2.50 7.74
N GLU A 426 -31.14 -2.19 7.57
CA GLU A 426 -30.35 -2.82 6.52
C GLU A 426 -30.33 -4.35 6.67
N TYR A 427 -30.24 -4.84 7.91
CA TYR A 427 -30.23 -6.28 8.16
C TYR A 427 -31.56 -6.95 7.80
N VAL A 428 -32.66 -6.40 8.30
CA VAL A 428 -33.99 -6.91 8.02
C VAL A 428 -34.22 -6.95 6.52
N LEU A 429 -33.84 -5.87 5.84
CA LEU A 429 -33.99 -5.78 4.39
C LEU A 429 -33.18 -6.88 3.73
N ALA A 430 -31.96 -7.08 4.21
CA ALA A 430 -31.12 -8.11 3.66
C ALA A 430 -31.88 -9.43 3.75
N TYR A 431 -32.47 -9.67 4.92
CA TYR A 431 -33.22 -10.90 5.16
C TYR A 431 -34.40 -10.94 4.22
N ILE A 432 -35.25 -9.92 4.25
CA ILE A 432 -36.41 -9.91 3.35
C ILE A 432 -36.03 -10.14 1.90
N ASP A 433 -35.20 -9.27 1.35
CA ASP A 433 -34.78 -9.39 -0.03
C ASP A 433 -34.46 -10.84 -0.42
N TYR A 434 -33.97 -11.62 0.53
CA TYR A 434 -33.62 -13.01 0.26
C TYR A 434 -34.86 -13.90 0.16
N LEU A 435 -35.68 -13.89 1.21
CA LEU A 435 -36.88 -14.71 1.25
C LEU A 435 -37.75 -14.39 0.05
N SER A 436 -37.71 -13.14 -0.38
CA SER A 436 -38.51 -12.68 -1.50
C SER A 436 -38.06 -13.13 -2.87
N HIS A 437 -36.87 -13.70 -3.00
CA HIS A 437 -36.46 -14.14 -4.33
C HIS A 437 -36.63 -15.63 -4.44
N LEU A 438 -37.07 -16.21 -3.33
CA LEU A 438 -37.34 -17.63 -3.26
C LEU A 438 -38.64 -17.76 -4.04
N ASN A 439 -39.36 -16.65 -4.10
CA ASN A 439 -40.63 -16.55 -4.82
C ASN A 439 -41.86 -17.09 -4.10
N GLU A 440 -41.72 -17.51 -2.85
CA GLU A 440 -42.89 -18.05 -2.14
C GLU A 440 -43.64 -16.91 -1.44
N ASP A 441 -44.71 -16.47 -2.08
CA ASP A 441 -45.53 -15.37 -1.62
C ASP A 441 -45.93 -15.33 -0.14
N ASN A 442 -46.61 -16.37 0.31
CA ASN A 442 -47.08 -16.39 1.70
C ASN A 442 -45.98 -16.17 2.73
N ASN A 443 -44.96 -17.02 2.70
CA ASN A 443 -43.85 -16.91 3.63
C ASN A 443 -43.24 -15.53 3.69
N THR A 444 -43.08 -14.93 2.53
CA THR A 444 -42.55 -13.58 2.43
C THR A 444 -43.51 -12.64 3.14
N ARG A 445 -44.79 -12.79 2.82
CA ARG A 445 -45.80 -11.96 3.47
C ARG A 445 -45.71 -12.15 4.98
N VAL A 446 -45.35 -13.36 5.39
CA VAL A 446 -45.24 -13.67 6.81
C VAL A 446 -44.11 -12.91 7.46
N LEU A 447 -42.93 -12.97 6.85
CA LEU A 447 -41.76 -12.28 7.38
C LEU A 447 -42.04 -10.77 7.40
N PHE A 448 -42.76 -10.30 6.40
CA PHE A 448 -43.10 -8.89 6.33
C PHE A 448 -43.90 -8.45 7.56
N GLU A 449 -45.00 -9.14 7.81
CA GLU A 449 -45.87 -8.82 8.93
C GLU A 449 -45.14 -8.94 10.26
N ARG A 450 -44.23 -9.91 10.36
CA ARG A 450 -43.47 -10.08 11.60
C ARG A 450 -42.64 -8.83 11.80
N VAL A 451 -41.64 -8.66 10.95
CA VAL A 451 -40.74 -7.51 11.03
C VAL A 451 -41.43 -6.17 11.28
N LEU A 452 -42.64 -5.99 10.76
CA LEU A 452 -43.36 -4.73 10.97
C LEU A 452 -44.28 -4.76 12.19
N THR A 453 -44.50 -5.95 12.77
CA THR A 453 -45.37 -6.09 13.94
C THR A 453 -44.62 -6.63 15.17
N SER A 454 -43.47 -7.27 14.92
CA SER A 454 -42.64 -7.85 15.96
C SER A 454 -42.02 -6.73 16.80
N GLY A 455 -42.39 -5.50 16.47
CA GLY A 455 -41.93 -4.31 17.17
C GLY A 455 -40.47 -4.17 17.60
N SER A 456 -39.62 -5.14 17.25
CA SER A 456 -38.20 -5.06 17.60
C SER A 456 -37.46 -4.07 16.70
N LEU A 457 -38.16 -3.59 15.68
CA LEU A 457 -37.61 -2.63 14.75
C LEU A 457 -38.41 -1.35 14.92
N PRO A 458 -37.77 -0.28 15.38
CA PRO A 458 -38.46 1.00 15.57
C PRO A 458 -39.07 1.52 14.27
N PRO A 459 -40.40 1.67 14.23
CA PRO A 459 -41.09 2.16 13.04
C PRO A 459 -40.40 3.33 12.31
N GLU A 460 -39.82 4.25 13.07
CA GLU A 460 -39.14 5.39 12.49
C GLU A 460 -38.12 4.93 11.47
N LYS A 461 -37.60 3.72 11.66
CA LYS A 461 -36.59 3.17 10.77
C LYS A 461 -37.08 1.99 9.94
N SER A 462 -38.36 2.02 9.58
CA SER A 462 -38.95 0.94 8.80
C SER A 462 -39.44 1.34 7.41
N GLY A 463 -39.33 2.62 7.10
CA GLY A 463 -39.77 3.09 5.79
C GLY A 463 -39.42 2.16 4.64
N GLU A 464 -38.15 1.83 4.51
CA GLU A 464 -37.71 0.97 3.42
C GLU A 464 -38.46 -0.33 3.38
N ILE A 465 -38.79 -0.84 4.55
CA ILE A 465 -39.52 -2.10 4.63
C ILE A 465 -40.89 -1.92 4.02
N TRP A 466 -41.66 -1.02 4.59
CA TRP A 466 -43.00 -0.74 4.09
C TRP A 466 -42.95 -0.57 2.59
N ALA A 467 -41.83 -0.06 2.12
CA ALA A 467 -41.62 0.13 0.71
C ALA A 467 -41.54 -1.24 0.08
N ARG A 468 -40.55 -2.02 0.48
CA ARG A 468 -40.36 -3.34 -0.07
C ARG A 468 -41.66 -4.12 0.00
N PHE A 469 -42.46 -3.84 1.02
CA PHE A 469 -43.73 -4.54 1.18
C PHE A 469 -44.66 -4.25 0.01
N LEU A 470 -44.91 -2.96 -0.21
CA LEU A 470 -45.78 -2.52 -1.29
C LEU A 470 -45.28 -3.03 -2.62
N ALA A 471 -43.96 -3.05 -2.78
CA ALA A 471 -43.35 -3.54 -4.01
C ALA A 471 -43.72 -5.02 -4.15
N PHE A 472 -43.84 -5.69 -3.02
CA PHE A 472 -44.20 -7.10 -2.99
C PHE A 472 -45.70 -7.24 -3.25
N GLU A 473 -46.49 -6.42 -2.55
CA GLU A 473 -47.93 -6.43 -2.74
C GLU A 473 -48.27 -5.90 -4.11
N SER A 474 -47.27 -5.41 -4.81
CA SER A 474 -47.52 -4.89 -6.16
C SER A 474 -47.22 -5.93 -7.22
N ASN A 475 -46.26 -6.80 -6.96
CA ASN A 475 -45.93 -7.83 -7.93
C ASN A 475 -47.04 -8.83 -7.96
N ILE A 476 -47.17 -9.54 -6.84
CA ILE A 476 -48.23 -10.52 -6.67
C ILE A 476 -49.23 -9.66 -5.92
N GLY A 477 -50.28 -10.23 -5.35
CA GLY A 477 -51.22 -9.39 -4.63
C GLY A 477 -52.04 -8.47 -5.52
N ASP A 478 -52.90 -7.64 -4.94
CA ASP A 478 -53.74 -6.76 -5.76
C ASP A 478 -54.11 -5.43 -5.11
N LEU A 479 -54.72 -4.56 -5.93
CA LEU A 479 -55.11 -3.21 -5.51
C LEU A 479 -55.56 -3.03 -4.06
N ALA A 480 -56.47 -3.87 -3.58
CA ALA A 480 -56.94 -3.72 -2.20
C ALA A 480 -55.83 -4.03 -1.21
N SER A 481 -55.03 -5.03 -1.54
CA SER A 481 -53.91 -5.42 -0.70
C SER A 481 -52.86 -4.30 -0.68
N ILE A 482 -52.76 -3.57 -1.79
CA ILE A 482 -51.83 -2.47 -1.90
C ILE A 482 -52.33 -1.31 -1.07
N LEU A 483 -53.61 -0.97 -1.24
CA LEU A 483 -54.20 0.12 -0.48
C LEU A 483 -54.04 -0.14 1.01
N LYS A 484 -54.23 -1.40 1.40
CA LYS A 484 -54.13 -1.82 2.79
C LYS A 484 -52.77 -1.54 3.42
N VAL A 485 -51.72 -2.15 2.86
CA VAL A 485 -50.37 -1.95 3.35
C VAL A 485 -50.07 -0.46 3.29
N GLU A 486 -50.53 0.15 2.21
CA GLU A 486 -50.35 1.58 1.98
C GLU A 486 -50.84 2.39 3.16
N LYS A 487 -52.14 2.27 3.46
CA LYS A 487 -52.75 3.01 4.57
C LYS A 487 -52.10 2.76 5.93
N ARG A 488 -51.52 1.57 6.10
CA ARG A 488 -50.83 1.23 7.33
C ARG A 488 -49.50 1.98 7.34
N ARG A 489 -48.80 1.94 6.21
CA ARG A 489 -47.53 2.63 6.07
C ARG A 489 -47.70 4.10 6.45
N PHE A 490 -48.85 4.67 6.10
CA PHE A 490 -49.13 6.08 6.39
C PHE A 490 -49.42 6.31 7.85
N THR A 491 -50.16 5.39 8.44
CA THR A 491 -50.51 5.51 9.85
C THR A 491 -49.27 5.49 10.72
N ALA A 492 -48.28 4.68 10.33
CA ALA A 492 -47.04 4.56 11.07
C ALA A 492 -46.18 5.83 10.96
N PHE A 493 -46.28 6.52 9.82
CA PHE A 493 -45.52 7.75 9.61
C PHE A 493 -46.48 8.92 9.40
N ARG A 494 -47.64 8.82 10.04
CA ARG A 494 -48.68 9.84 9.94
C ARG A 494 -48.03 11.21 10.03
N GLU A 495 -47.02 11.32 10.89
CA GLU A 495 -46.31 12.58 11.08
C GLU A 495 -45.60 13.11 9.84
N GLU A 496 -44.45 12.55 9.51
CA GLU A 496 -43.68 13.05 8.36
C GLU A 496 -44.24 12.74 6.98
N TYR A 497 -45.44 12.17 6.91
CA TYR A 497 -46.03 11.85 5.62
C TYR A 497 -47.32 12.61 5.32
N GLU A 498 -47.76 13.45 6.25
CA GLU A 498 -48.98 14.22 6.03
C GLU A 498 -48.72 15.29 4.99
N GLY A 499 -49.53 15.27 3.93
CA GLY A 499 -49.37 16.24 2.87
C GLY A 499 -48.53 15.71 1.72
N LYS A 500 -47.67 14.73 1.98
CA LYS A 500 -46.80 14.15 0.96
C LYS A 500 -47.46 12.94 0.31
N GLU A 501 -48.77 12.81 0.49
CA GLU A 501 -49.49 11.67 -0.06
C GLU A 501 -49.21 11.43 -1.54
N THR A 502 -49.26 12.49 -2.34
CA THR A 502 -49.03 12.38 -3.77
C THR A 502 -47.60 11.97 -4.10
N ALA A 503 -46.63 12.65 -3.50
CA ALA A 503 -45.22 12.33 -3.73
C ALA A 503 -45.00 10.86 -3.36
N LEU A 504 -45.85 10.39 -2.46
CA LEU A 504 -45.82 9.02 -1.98
C LEU A 504 -46.52 8.11 -3.02
N LEU A 505 -47.64 8.59 -3.58
CA LEU A 505 -48.39 7.83 -4.58
C LEU A 505 -47.52 7.51 -5.79
N VAL A 506 -46.57 8.37 -6.08
CA VAL A 506 -45.65 8.21 -7.21
C VAL A 506 -44.95 6.87 -7.20
N ASP A 507 -44.63 6.38 -6.00
CA ASP A 507 -43.96 5.10 -5.86
C ASP A 507 -44.85 3.89 -6.09
N ARG A 508 -46.16 4.11 -6.15
CA ARG A 508 -47.07 3.01 -6.38
C ARG A 508 -46.98 2.54 -7.83
N TYR A 509 -46.48 3.43 -8.70
CA TYR A 509 -46.44 3.12 -10.13
C TYR A 509 -45.08 3.12 -10.82
N LYS A 510 -44.10 3.81 -10.29
CA LYS A 510 -42.81 3.86 -10.96
C LYS A 510 -42.09 2.50 -10.98
N PHE A 511 -41.42 2.24 -12.10
CA PHE A 511 -40.67 1.01 -12.31
C PHE A 511 -39.35 1.42 -12.96
N MET A 512 -38.25 0.98 -12.35
CA MET A 512 -36.91 1.33 -12.83
C MET A 512 -36.78 2.83 -13.08
N ASP A 513 -36.32 3.23 -14.25
CA ASP A 513 -36.17 4.66 -14.53
C ASP A 513 -37.44 5.28 -15.08
N LEU A 514 -38.58 4.65 -14.85
CA LEU A 514 -39.86 5.16 -15.33
C LEU A 514 -40.74 5.68 -14.19
N TYR A 515 -41.26 6.89 -14.33
CA TYR A 515 -42.14 7.47 -13.32
C TYR A 515 -43.36 8.03 -14.03
N PRO A 516 -44.49 8.09 -13.34
CA PRO A 516 -45.67 8.62 -14.02
C PRO A 516 -45.67 10.16 -13.94
N CYS A 517 -44.48 10.75 -13.92
CA CYS A 517 -44.33 12.20 -13.84
C CYS A 517 -43.02 12.74 -14.41
N SER A 518 -43.04 14.02 -14.79
CA SER A 518 -41.86 14.68 -15.33
C SER A 518 -40.92 15.02 -14.18
N ALA A 519 -39.64 15.20 -14.48
CA ALA A 519 -38.68 15.56 -13.44
C ALA A 519 -39.19 16.78 -12.69
N SER A 520 -39.56 17.81 -13.44
CA SER A 520 -40.06 19.06 -12.89
C SER A 520 -41.35 18.88 -12.09
N GLU A 521 -42.22 17.96 -12.51
CA GLU A 521 -43.45 17.74 -11.77
C GLU A 521 -43.15 17.04 -10.46
N LEU A 522 -42.15 16.17 -10.49
CA LEU A 522 -41.76 15.42 -9.30
C LEU A 522 -41.15 16.34 -8.26
N LYS A 523 -40.33 17.29 -8.73
CA LYS A 523 -39.69 18.27 -7.87
C LYS A 523 -40.73 18.99 -7.02
N ALA A 524 -41.66 19.67 -7.68
CA ALA A 524 -42.71 20.41 -7.02
C ALA A 524 -43.64 19.56 -6.17
N LEU A 525 -43.55 18.24 -6.32
CA LEU A 525 -44.38 17.33 -5.55
C LEU A 525 -43.71 17.06 -4.21
N GLY A 526 -42.39 17.21 -4.21
CA GLY A 526 -41.63 16.95 -3.02
C GLY A 526 -41.16 15.51 -3.07
N TYR A 527 -41.03 15.00 -4.29
CA TYR A 527 -40.60 13.63 -4.50
C TYR A 527 -39.15 13.43 -4.07
N LYS A 528 -38.87 12.24 -3.57
CA LYS A 528 -37.56 11.84 -3.07
C LYS A 528 -37.32 10.39 -3.48
N ASP A 529 -36.47 10.15 -4.48
CA ASP A 529 -36.24 8.77 -4.90
C ASP A 529 -35.14 8.02 -4.18
N VAL A 530 -35.53 6.88 -3.61
CA VAL A 530 -34.64 6.00 -2.87
C VAL A 530 -33.84 5.10 -3.81
#